data_7P0P
#
_entry.id   7P0P
#
_cell.length_a   43.573
_cell.length_b   47.589
_cell.length_c   125.948
_cell.angle_alpha   90.00
_cell.angle_beta   90.00
_cell.angle_gamma   90.00
#
_symmetry.space_group_name_H-M   'P 21 21 21'
#
loop_
_entity.id
_entity.type
_entity.pdbx_description
1 polymer 'CDGSH iron-sulfur domain-containing protein 2'
2 non-polymer 'FE2/S2 (INORGANIC) CLUSTER'
3 non-polymer '2-benzamido-4-[(2~{R})-1,2,3,4-tetrahydronaphthalen-2-yl]thiophene-3-carboxylic acid'
4 water water
#
_entity_poly.entity_id   1
_entity_poly.type   'polypeptide(L)'
_entity_poly.pdbx_seq_one_letter_code
;RPFLPKKKQQKDSLINLKIQKENPKVVNEINIEDLSLTKAAYCRCWRSKTFPACDGSHNKHNELTGDNVGPLILKKKEV
;
_entity_poly.pdbx_strand_id   A,B,C,D
#
loop_
_chem_comp.id
_chem_comp.type
_chem_comp.name
_chem_comp.formula
49I non-polymer '2-benzamido-4-[(2~{R})-1,2,3,4-tetrahydronaphthalen-2-yl]thiophene-3-carboxylic acid' 'C22 H19 N O3 S'
FES non-polymer 'FE2/S2 (INORGANIC) CLUSTER' 'Fe2 S2'
#
# COMPACT_ATOMS: atom_id res chain seq x y z
N SER A 13 -1.79 -3.29 -21.53
CA SER A 13 -1.00 -2.82 -20.36
C SER A 13 -1.55 -3.45 -19.07
N LEU A 14 -2.81 -3.87 -18.99
CA LEU A 14 -3.32 -4.59 -17.78
C LEU A 14 -2.39 -5.77 -17.48
N ILE A 15 -1.95 -5.90 -16.23
CA ILE A 15 -1.10 -7.04 -15.79
C ILE A 15 -2.02 -8.13 -15.24
N ASN A 16 -2.94 -7.75 -14.35
CA ASN A 16 -3.88 -8.67 -13.69
C ASN A 16 -5.17 -8.71 -14.50
N LEU A 17 -5.57 -9.89 -15.00
CA LEU A 17 -6.78 -9.99 -15.84
C LEU A 17 -8.01 -10.29 -14.97
N LYS A 18 -7.88 -11.12 -13.95
CA LYS A 18 -9.06 -11.80 -13.35
C LYS A 18 -9.08 -11.76 -11.82
N ILE A 19 -7.98 -11.48 -11.12
CA ILE A 19 -7.94 -11.67 -9.65
C ILE A 19 -8.56 -10.45 -8.94
N GLN A 20 -9.56 -10.70 -8.10
CA GLN A 20 -10.15 -9.75 -7.10
C GLN A 20 -10.32 -8.37 -7.75
N LYS A 21 -10.97 -8.33 -8.90
CA LYS A 21 -11.09 -7.10 -9.74
C LYS A 21 -11.99 -6.05 -9.10
N GLU A 22 -12.71 -6.39 -8.03
CA GLU A 22 -13.55 -5.45 -7.23
C GLU A 22 -12.69 -4.72 -6.20
N ASN A 23 -11.47 -5.20 -5.96
CA ASN A 23 -10.46 -4.58 -5.07
C ASN A 23 -9.54 -3.67 -5.88
N PRO A 24 -9.46 -2.36 -5.58
CA PRO A 24 -8.62 -1.45 -6.38
C PRO A 24 -7.09 -1.63 -6.19
N LYS A 25 -6.64 -2.32 -5.14
CA LYS A 25 -5.19 -2.66 -5.07
C LYS A 25 -5.02 -3.97 -4.29
N VAL A 26 -4.64 -5.03 -5.00
CA VAL A 26 -4.51 -6.37 -4.38
C VAL A 26 -3.16 -6.46 -3.71
N VAL A 27 -3.17 -6.43 -2.37
CA VAL A 27 -1.93 -6.51 -1.54
C VAL A 27 -2.04 -7.74 -0.66
N ASN A 28 -1.02 -8.58 -0.67
CA ASN A 28 -1.00 -9.83 0.15
C ASN A 28 0.13 -9.69 1.16
N GLU A 29 -0.19 -9.91 2.44
CA GLU A 29 0.79 -9.89 3.56
C GLU A 29 1.01 -11.34 3.99
N ILE A 30 2.28 -11.74 4.14
CA ILE A 30 2.59 -13.12 4.58
C ILE A 30 3.57 -13.05 5.75
N ASN A 31 3.35 -13.93 6.72
CA ASN A 31 4.13 -14.09 7.96
C ASN A 31 5.25 -15.09 7.64
N ILE A 32 6.41 -14.56 7.23
CA ILE A 32 7.57 -15.32 6.67
C ILE A 32 8.05 -16.38 7.66
N GLU A 33 7.78 -16.19 8.96
CA GLU A 33 8.22 -17.09 10.05
C GLU A 33 7.31 -18.32 10.12
N ASP A 34 6.13 -18.25 9.50
CA ASP A 34 5.13 -19.35 9.52
C ASP A 34 5.27 -20.20 8.26
N LEU A 35 6.35 -20.05 7.50
CA LEU A 35 6.62 -20.94 6.33
C LEU A 35 6.46 -22.42 6.72
N SER A 36 5.46 -23.09 6.15
CA SER A 36 5.13 -24.53 6.36
C SER A 36 6.03 -25.36 5.43
N LEU A 37 6.69 -24.68 4.49
CA LEU A 37 7.58 -25.22 3.43
C LEU A 37 9.00 -24.68 3.66
N THR A 38 10.02 -25.42 3.21
CA THR A 38 11.47 -25.08 3.35
C THR A 38 11.78 -23.89 2.41
N LYS A 39 11.16 -23.90 1.24
CA LYS A 39 11.04 -22.73 0.34
C LYS A 39 9.57 -22.61 0.00
N ALA A 40 9.14 -21.47 -0.55
CA ALA A 40 7.74 -21.28 -1.01
C ALA A 40 7.74 -20.22 -2.10
N ALA A 41 7.23 -20.58 -3.28
CA ALA A 41 7.22 -19.73 -4.48
C ALA A 41 5.95 -18.85 -4.46
N TYR A 42 6.10 -17.55 -4.68
CA TYR A 42 4.99 -16.56 -4.66
C TYR A 42 4.93 -15.93 -6.06
N CYS A 43 3.70 -15.79 -6.54
CA CYS A 43 3.36 -15.47 -7.92
C CYS A 43 3.59 -13.98 -8.21
N ARG A 44 4.22 -13.67 -9.33
CA ARG A 44 4.42 -12.28 -9.80
C ARG A 44 3.81 -12.15 -11.18
N CYS A 45 2.93 -13.08 -11.57
CA CYS A 45 2.37 -13.07 -12.95
C CYS A 45 0.85 -12.96 -12.94
N TRP A 46 0.19 -13.08 -11.78
CA TRP A 46 -1.27 -12.89 -11.63
C TRP A 46 -2.02 -13.94 -12.47
N ARG A 47 -1.41 -15.11 -12.67
CA ARG A 47 -2.07 -16.24 -13.38
C ARG A 47 -2.19 -17.47 -12.46
N SER A 48 -1.49 -17.54 -11.32
CA SER A 48 -1.53 -18.76 -10.46
C SER A 48 -2.96 -19.06 -10.01
N LYS A 49 -3.36 -20.33 -10.09
CA LYS A 49 -4.63 -20.84 -9.49
C LYS A 49 -4.48 -20.87 -7.97
N THR A 50 -3.26 -20.78 -7.46
CA THR A 50 -3.01 -20.74 -5.99
C THR A 50 -2.61 -19.34 -5.57
N PHE A 51 -2.90 -18.32 -6.37
CA PHE A 51 -2.49 -16.92 -6.09
C PHE A 51 -2.87 -16.57 -4.66
N PRO A 52 -2.00 -15.95 -3.83
CA PRO A 52 -0.72 -15.37 -4.26
C PRO A 52 0.47 -16.33 -4.35
N ALA A 53 0.28 -17.62 -4.03
CA ALA A 53 1.33 -18.64 -4.26
C ALA A 53 1.51 -18.87 -5.78
N CYS A 54 2.71 -19.29 -6.18
CA CYS A 54 3.08 -19.66 -7.59
C CYS A 54 2.73 -21.12 -7.82
N ASP A 55 2.01 -21.45 -8.89
CA ASP A 55 1.72 -22.87 -9.25
C ASP A 55 2.39 -23.25 -10.57
N GLY A 56 3.29 -22.40 -11.11
CA GLY A 56 3.96 -22.66 -12.40
C GLY A 56 3.21 -22.08 -13.57
N SER A 57 2.07 -21.41 -13.37
CA SER A 57 1.30 -20.80 -14.48
C SER A 57 2.15 -19.81 -15.23
N HIS A 58 3.17 -19.20 -14.59
CA HIS A 58 4.09 -18.26 -15.27
C HIS A 58 4.64 -18.88 -16.57
N ASN A 59 4.89 -20.19 -16.58
CA ASN A 59 5.48 -20.87 -17.77
C ASN A 59 4.51 -20.80 -18.95
N LYS A 60 3.22 -21.01 -18.72
CA LYS A 60 2.16 -20.95 -19.76
C LYS A 60 2.03 -19.51 -20.22
N HIS A 61 2.12 -18.55 -19.29
CA HIS A 61 2.06 -17.10 -19.65
C HIS A 61 3.25 -16.75 -20.55
N ASN A 62 4.45 -17.16 -20.19
CA ASN A 62 5.71 -16.77 -20.89
C ASN A 62 5.69 -17.37 -22.30
N GLU A 63 5.20 -18.59 -22.40
CA GLU A 63 5.12 -19.33 -23.69
C GLU A 63 4.05 -18.65 -24.55
N LEU A 64 2.87 -18.37 -24.03
CA LEU A 64 1.77 -17.68 -24.78
C LEU A 64 2.25 -16.34 -25.33
N THR A 65 2.98 -15.59 -24.51
CA THR A 65 3.12 -14.12 -24.62
C THR A 65 4.55 -13.76 -25.06
N GLY A 66 5.54 -14.62 -24.82
CA GLY A 66 6.96 -14.30 -25.08
C GLY A 66 7.57 -13.50 -23.94
N ASP A 67 6.91 -13.50 -22.79
CA ASP A 67 7.35 -12.78 -21.56
C ASP A 67 8.37 -13.67 -20.82
N ASN A 68 8.95 -13.15 -19.75
CA ASN A 68 10.06 -13.80 -19.00
C ASN A 68 9.83 -13.61 -17.50
N VAL A 69 8.57 -13.70 -17.06
CA VAL A 69 8.27 -13.41 -15.63
C VAL A 69 8.41 -14.73 -14.86
N GLY A 70 8.80 -14.62 -13.62
CA GLY A 70 8.84 -15.79 -12.73
C GLY A 70 8.59 -15.37 -11.31
N PRO A 71 8.53 -16.36 -10.40
CA PRO A 71 8.16 -16.12 -9.02
C PRO A 71 9.25 -15.52 -8.12
N LEU A 72 8.80 -15.06 -6.95
CA LEU A 72 9.67 -14.75 -5.78
C LEU A 72 9.68 -16.02 -4.91
N ILE A 73 10.85 -16.56 -4.63
CA ILE A 73 11.00 -17.78 -3.77
C ILE A 73 11.46 -17.35 -2.38
N LEU A 74 10.64 -17.63 -1.38
CA LEU A 74 10.93 -17.40 0.06
C LEU A 74 11.59 -18.67 0.59
N LYS A 75 12.72 -18.54 1.29
CA LYS A 75 13.51 -19.70 1.81
C LYS A 75 13.81 -19.52 3.29
N LYS A 76 13.65 -20.59 4.09
CA LYS A 76 14.05 -20.63 5.52
C LYS A 76 15.59 -20.63 5.58
N LYS A 77 16.16 -20.07 6.66
CA LYS A 77 17.57 -20.32 7.08
C LYS A 77 17.73 -21.83 7.33
N ASP B 12 -2.92 -12.60 -21.70
CA ASP B 12 -3.36 -11.82 -22.89
C ASP B 12 -2.14 -11.21 -23.59
N SER B 13 -1.28 -10.47 -22.87
CA SER B 13 -0.08 -9.76 -23.41
C SER B 13 1.04 -9.61 -22.35
N LEU B 14 2.15 -8.94 -22.69
CA LEU B 14 3.39 -8.90 -21.85
C LEU B 14 3.05 -8.26 -20.50
N ILE B 15 3.63 -8.80 -19.43
CA ILE B 15 3.55 -8.19 -18.07
C ILE B 15 4.82 -7.35 -17.86
N ASN B 16 5.99 -7.95 -18.05
CA ASN B 16 7.28 -7.26 -17.83
C ASN B 16 7.72 -6.64 -19.16
N LEU B 17 7.98 -5.33 -19.18
CA LEU B 17 8.38 -4.60 -20.42
C LEU B 17 9.91 -4.40 -20.49
N LYS B 18 10.57 -4.29 -19.35
CA LYS B 18 11.92 -3.66 -19.31
C LYS B 18 12.92 -4.47 -18.49
N ILE B 19 12.47 -5.35 -17.61
CA ILE B 19 13.39 -5.83 -16.54
C ILE B 19 14.11 -7.08 -17.04
N GLN B 20 15.43 -6.99 -17.26
CA GLN B 20 16.28 -8.16 -17.57
C GLN B 20 15.64 -8.99 -18.70
N LYS B 21 15.26 -8.38 -19.81
CA LYS B 21 14.59 -9.11 -20.93
C LYS B 21 15.55 -10.14 -21.54
N GLU B 22 16.87 -9.97 -21.37
CA GLU B 22 17.93 -10.97 -21.71
C GLU B 22 17.73 -12.29 -20.96
N ASN B 23 17.12 -12.22 -19.78
CA ASN B 23 16.92 -13.39 -18.89
C ASN B 23 15.60 -14.04 -19.23
N PRO B 24 15.56 -15.31 -19.72
CA PRO B 24 14.30 -15.89 -20.16
C PRO B 24 13.32 -16.20 -19.02
N LYS B 25 13.75 -16.21 -17.76
CA LYS B 25 12.82 -16.34 -16.62
C LYS B 25 13.37 -15.63 -15.39
N VAL B 26 12.77 -14.50 -15.02
CA VAL B 26 13.32 -13.68 -13.89
C VAL B 26 12.70 -14.23 -12.60
N VAL B 27 13.52 -14.94 -11.85
CA VAL B 27 13.21 -15.52 -10.53
C VAL B 27 14.08 -14.82 -9.49
N ASN B 28 13.50 -14.40 -8.38
CA ASN B 28 14.27 -13.84 -7.25
C ASN B 28 14.06 -14.73 -6.04
N GLU B 29 15.12 -14.98 -5.28
CA GLU B 29 15.07 -15.73 -3.99
C GLU B 29 15.27 -14.72 -2.87
N ILE B 30 14.59 -14.86 -1.73
CA ILE B 30 14.90 -14.06 -0.52
C ILE B 30 15.03 -14.97 0.69
N ASN B 31 16.11 -14.80 1.42
CA ASN B 31 16.37 -15.50 2.71
C ASN B 31 15.69 -14.75 3.85
N ILE B 32 14.88 -15.45 4.65
CA ILE B 32 14.28 -14.94 5.92
C ILE B 32 15.32 -14.06 6.64
N GLU B 33 16.50 -14.62 6.91
CA GLU B 33 17.53 -14.02 7.81
C GLU B 33 18.07 -12.72 7.23
N ASP B 34 18.00 -12.53 5.91
CA ASP B 34 18.45 -11.30 5.22
C ASP B 34 17.38 -10.20 5.27
N LEU B 35 16.15 -10.50 5.72
CA LEU B 35 15.10 -9.46 5.91
C LEU B 35 15.45 -8.65 7.18
N SER B 36 15.75 -7.37 7.00
CA SER B 36 16.13 -6.38 8.03
C SER B 36 14.90 -5.95 8.83
N LEU B 37 13.88 -5.54 8.10
CA LEU B 37 12.77 -4.73 8.61
C LEU B 37 11.67 -5.66 9.10
N THR B 38 10.66 -5.14 9.78
CA THR B 38 9.50 -5.92 10.26
C THR B 38 8.58 -6.18 9.06
N LYS B 39 8.68 -5.32 8.03
CA LYS B 39 7.95 -5.51 6.76
C LYS B 39 8.84 -5.08 5.59
N ALA B 40 8.72 -5.79 4.48
CA ALA B 40 9.40 -5.46 3.22
C ALA B 40 8.41 -5.75 2.09
N ALA B 41 8.27 -4.79 1.18
CA ALA B 41 7.32 -4.88 0.05
C ALA B 41 8.07 -5.38 -1.19
N TYR B 42 7.56 -6.43 -1.80
CA TYR B 42 8.12 -6.98 -3.06
C TYR B 42 7.14 -6.75 -4.23
N CYS B 43 7.72 -6.30 -5.33
CA CYS B 43 6.99 -5.82 -6.52
C CYS B 43 6.35 -7.01 -7.26
N ARG B 44 5.09 -6.88 -7.65
CA ARG B 44 4.38 -7.88 -8.49
C ARG B 44 3.90 -7.21 -9.78
N CYS B 45 4.39 -5.99 -10.07
CA CYS B 45 3.96 -5.21 -11.26
C CYS B 45 5.07 -5.05 -12.31
N TRP B 46 6.31 -5.36 -11.99
CA TRP B 46 7.48 -5.30 -12.91
C TRP B 46 7.72 -3.85 -13.39
N ARG B 47 7.43 -2.84 -12.58
CA ARG B 47 7.65 -1.41 -12.95
C ARG B 47 8.60 -0.75 -11.95
N SER B 48 8.88 -1.39 -10.82
CA SER B 48 9.67 -0.79 -9.72
C SER B 48 11.09 -0.47 -10.22
N LYS B 49 11.62 0.70 -9.85
CA LYS B 49 13.04 1.09 -10.11
C LYS B 49 13.96 0.36 -9.14
N THR B 50 13.40 -0.32 -8.12
CA THR B 50 14.19 -1.09 -7.12
C THR B 50 13.82 -2.58 -7.16
N PHE B 51 13.25 -3.04 -8.28
CA PHE B 51 12.89 -4.47 -8.46
C PHE B 51 14.05 -5.33 -7.97
N PRO B 52 13.80 -6.42 -7.22
CA PRO B 52 12.47 -6.93 -6.92
C PRO B 52 11.67 -6.26 -5.79
N ALA B 53 12.18 -5.17 -5.20
CA ALA B 53 11.46 -4.42 -4.14
C ALA B 53 10.38 -3.56 -4.82
N CYS B 54 9.30 -3.31 -4.10
CA CYS B 54 8.23 -2.37 -4.51
C CYS B 54 8.65 -0.96 -4.12
N ASP B 55 8.55 0.00 -5.04
CA ASP B 55 8.82 1.44 -4.76
C ASP B 55 7.57 2.26 -5.10
N GLY B 56 6.39 1.62 -5.16
CA GLY B 56 5.09 2.28 -5.41
C GLY B 56 4.85 2.62 -6.86
N SER B 57 5.71 2.20 -7.78
CA SER B 57 5.47 2.37 -9.24
C SER B 57 4.14 1.72 -9.65
N HIS B 58 3.63 0.74 -8.90
CA HIS B 58 2.33 0.11 -9.26
C HIS B 58 1.20 1.15 -9.31
N ASN B 59 1.30 2.23 -8.53
CA ASN B 59 0.22 3.23 -8.40
C ASN B 59 0.03 3.92 -9.76
N LYS B 60 1.12 4.35 -10.39
CA LYS B 60 1.07 4.96 -11.73
C LYS B 60 0.54 3.94 -12.74
N HIS B 61 1.07 2.72 -12.74
CA HIS B 61 0.60 1.61 -13.63
C HIS B 61 -0.93 1.45 -13.47
N ASN B 62 -1.41 1.35 -12.25
CA ASN B 62 -2.86 1.20 -11.97
C ASN B 62 -3.66 2.39 -12.55
N GLU B 63 -3.24 3.63 -12.28
CA GLU B 63 -3.94 4.86 -12.74
C GLU B 63 -4.01 4.89 -14.26
N LEU B 64 -2.92 4.54 -14.94
CA LEU B 64 -2.84 4.65 -16.43
C LEU B 64 -3.67 3.56 -17.13
N THR B 65 -3.73 2.34 -16.58
CA THR B 65 -4.28 1.13 -17.27
C THR B 65 -5.61 0.68 -16.70
N GLY B 66 -6.03 1.21 -15.56
CA GLY B 66 -7.22 0.76 -14.82
C GLY B 66 -6.96 -0.60 -14.14
N ASP B 67 -5.70 -0.92 -13.84
CA ASP B 67 -5.33 -2.21 -13.21
C ASP B 67 -5.46 -2.07 -11.68
N ASN B 68 -5.20 -3.13 -10.92
CA ASN B 68 -5.39 -3.13 -9.47
C ASN B 68 -4.28 -3.96 -8.81
N VAL B 69 -3.08 -3.94 -9.37
CA VAL B 69 -1.99 -4.80 -8.82
C VAL B 69 -1.30 -4.04 -7.69
N GLY B 70 -0.80 -4.82 -6.73
CA GLY B 70 -0.09 -4.31 -5.56
C GLY B 70 0.98 -5.30 -5.14
N PRO B 71 1.83 -4.89 -4.19
CA PRO B 71 2.95 -5.70 -3.77
C PRO B 71 2.59 -6.88 -2.87
N LEU B 72 3.59 -7.72 -2.66
CA LEU B 72 3.57 -8.78 -1.63
C LEU B 72 4.37 -8.23 -0.46
N ILE B 73 3.78 -8.28 0.74
CA ILE B 73 4.38 -7.73 2.00
C ILE B 73 4.88 -8.93 2.81
N LEU B 74 6.18 -9.00 3.07
CA LEU B 74 6.78 -10.05 3.94
C LEU B 74 6.94 -9.48 5.34
N LYS B 75 6.27 -10.10 6.32
CA LYS B 75 6.18 -9.60 7.71
C LYS B 75 6.99 -10.52 8.61
N LYS B 76 7.70 -9.91 9.57
CA LYS B 76 8.66 -10.57 10.48
C LYS B 76 8.52 -9.99 11.90
N LYS B 77 8.62 -10.85 12.91
CA LYS B 77 8.82 -10.48 14.34
C LYS B 77 7.61 -9.70 14.87
N SER C 13 7.51 22.72 11.66
CA SER C 13 7.07 21.32 11.92
C SER C 13 5.63 21.13 11.41
N LEU C 14 5.26 21.74 10.28
CA LEU C 14 3.94 21.51 9.60
C LEU C 14 3.85 20.06 9.11
N ILE C 15 2.64 19.49 9.16
CA ILE C 15 2.32 18.21 8.50
C ILE C 15 1.86 18.53 7.09
N ASN C 16 0.85 19.41 6.96
CA ASN C 16 0.23 19.78 5.67
C ASN C 16 0.92 21.05 5.16
N LEU C 17 1.58 20.98 4.00
CA LEU C 17 2.34 22.14 3.44
C LEU C 17 1.44 22.96 2.53
N LYS C 18 0.52 22.32 1.78
CA LYS C 18 -0.08 22.93 0.57
C LYS C 18 -1.59 22.72 0.48
N ILE C 19 -2.22 21.81 1.24
CA ILE C 19 -3.63 21.43 0.94
C ILE C 19 -4.60 22.41 1.64
N GLN C 20 -5.42 23.07 0.81
CA GLN C 20 -6.55 23.94 1.20
C GLN C 20 -6.09 24.83 2.36
N LYS C 21 -4.98 25.54 2.20
CA LYS C 21 -4.36 26.33 3.30
C LYS C 21 -5.26 27.51 3.70
N GLU C 22 -6.22 27.92 2.86
CA GLU C 22 -7.21 28.98 3.18
C GLU C 22 -8.20 28.48 4.25
N ASN C 23 -8.19 27.18 4.55
CA ASN C 23 -9.13 26.55 5.49
C ASN C 23 -8.38 26.27 6.77
N PRO C 24 -8.72 26.93 7.92
CA PRO C 24 -8.01 26.74 9.19
C PRO C 24 -8.04 25.32 9.76
N LYS C 25 -8.94 24.48 9.31
CA LYS C 25 -9.05 23.08 9.81
C LYS C 25 -9.75 22.24 8.75
N VAL C 26 -8.96 21.47 8.00
CA VAL C 26 -9.47 20.62 6.89
C VAL C 26 -10.05 19.33 7.48
N VAL C 27 -11.36 19.19 7.38
CA VAL C 27 -12.13 17.98 7.80
C VAL C 27 -12.87 17.45 6.57
N ASN C 28 -12.79 16.15 6.32
CA ASN C 28 -13.42 15.50 5.15
C ASN C 28 -14.36 14.43 5.67
N GLU C 29 -15.63 14.54 5.34
CA GLU C 29 -16.68 13.54 5.65
C GLU C 29 -16.78 12.55 4.48
N ILE C 30 -16.75 11.25 4.77
CA ILE C 30 -16.85 10.16 3.76
C ILE C 30 -18.17 9.45 4.05
N ASN C 31 -19.05 9.32 3.07
CA ASN C 31 -20.28 8.49 3.23
C ASN C 31 -19.95 7.06 2.86
N ILE C 32 -19.97 6.15 3.83
CA ILE C 32 -19.67 4.69 3.67
C ILE C 32 -20.53 4.10 2.54
N GLU C 33 -21.79 4.51 2.45
CA GLU C 33 -22.73 4.06 1.38
C GLU C 33 -22.06 4.18 0.00
N ASP C 34 -21.24 5.21 -0.21
CA ASP C 34 -20.56 5.50 -1.50
C ASP C 34 -19.49 4.45 -1.85
N LEU C 35 -19.00 3.66 -0.89
CA LEU C 35 -18.03 2.57 -1.18
C LEU C 35 -18.73 1.46 -1.98
N SER C 36 -18.44 1.36 -3.28
CA SER C 36 -18.90 0.27 -4.18
C SER C 36 -17.83 -0.82 -4.29
N LEU C 37 -16.55 -0.47 -4.50
CA LEU C 37 -15.43 -1.44 -4.54
C LEU C 37 -15.19 -1.97 -3.12
N THR C 38 -14.45 -3.07 -2.95
CA THR C 38 -14.28 -3.71 -1.62
C THR C 38 -13.40 -2.83 -0.71
N LYS C 39 -12.56 -1.93 -1.27
CA LYS C 39 -11.60 -1.13 -0.47
C LYS C 39 -11.50 0.30 -1.00
N ALA C 40 -11.12 1.22 -0.12
CA ALA C 40 -10.77 2.59 -0.53
C ALA C 40 -9.70 3.07 0.44
N ALA C 41 -8.78 3.87 -0.07
CA ALA C 41 -7.59 4.32 0.68
C ALA C 41 -7.72 5.82 0.89
N TYR C 42 -7.52 6.29 2.12
CA TYR C 42 -7.61 7.74 2.47
C TYR C 42 -6.27 8.23 2.99
N CYS C 43 -5.88 9.38 2.48
CA CYS C 43 -4.55 10.00 2.66
C CYS C 43 -4.36 10.46 4.12
N ARG C 44 -3.24 10.12 4.74
CA ARG C 44 -2.86 10.62 6.08
C ARG C 44 -1.51 11.33 6.03
N CYS C 45 -1.04 11.71 4.84
CA CYS C 45 0.30 12.34 4.66
C CYS C 45 0.17 13.76 4.10
N TRP C 46 -1.01 14.15 3.61
CA TRP C 46 -1.36 15.52 3.14
C TRP C 46 -0.53 15.86 1.90
N ARG C 47 -0.17 14.84 1.11
CA ARG C 47 0.59 15.00 -0.16
C ARG C 47 -0.22 14.52 -1.38
N SER C 48 -1.29 13.74 -1.22
CA SER C 48 -2.01 13.10 -2.36
C SER C 48 -2.51 14.20 -3.31
N LYS C 49 -2.39 13.99 -4.61
CA LYS C 49 -3.03 14.88 -5.63
C LYS C 49 -4.53 14.60 -5.67
N THR C 50 -4.99 13.47 -5.12
CA THR C 50 -6.44 13.12 -5.03
C THR C 50 -6.97 13.26 -3.60
N PHE C 51 -6.27 13.97 -2.73
CA PHE C 51 -6.70 14.22 -1.32
C PHE C 51 -8.18 14.54 -1.34
N PRO C 52 -9.06 13.93 -0.49
CA PRO C 52 -8.68 13.07 0.62
C PRO C 52 -8.30 11.61 0.32
N ALA C 53 -8.37 11.22 -0.95
CA ALA C 53 -8.01 9.86 -1.36
C ALA C 53 -6.48 9.74 -1.33
N CYS C 54 -5.97 8.55 -1.02
CA CYS C 54 -4.54 8.18 -1.14
C CYS C 54 -4.20 7.85 -2.60
N ASP C 55 -3.16 8.44 -3.16
CA ASP C 55 -2.65 8.11 -4.52
C ASP C 55 -1.21 7.56 -4.46
N GLY C 56 -0.69 7.17 -3.30
CA GLY C 56 0.72 6.70 -3.14
C GLY C 56 1.77 7.81 -3.02
N SER C 57 1.40 9.09 -3.00
CA SER C 57 2.32 10.23 -2.73
C SER C 57 3.07 10.11 -1.39
N HIS C 58 2.57 9.31 -0.44
CA HIS C 58 3.23 9.04 0.87
C HIS C 58 4.61 8.38 0.64
N ASN C 59 4.76 7.63 -0.45
CA ASN C 59 6.01 6.89 -0.75
C ASN C 59 7.13 7.89 -0.91
N LYS C 60 6.90 8.94 -1.69
CA LYS C 60 7.96 9.93 -1.97
C LYS C 60 8.26 10.65 -0.65
N HIS C 61 7.24 11.01 0.12
CA HIS C 61 7.41 11.68 1.43
C HIS C 61 8.26 10.81 2.37
N ASN C 62 7.93 9.52 2.49
CA ASN C 62 8.66 8.59 3.38
C ASN C 62 10.13 8.44 2.93
N GLU C 63 10.36 8.36 1.62
CA GLU C 63 11.73 8.17 1.05
C GLU C 63 12.56 9.40 1.40
N LEU C 64 11.96 10.59 1.24
CA LEU C 64 12.66 11.89 1.37
C LEU C 64 12.92 12.19 2.85
N THR C 65 12.02 11.81 3.76
CA THR C 65 12.09 12.25 5.18
C THR C 65 12.52 11.10 6.10
N GLY C 66 12.46 9.85 5.65
CA GLY C 66 12.67 8.68 6.51
C GLY C 66 11.42 8.34 7.31
N ASP C 67 10.25 8.86 6.91
CA ASP C 67 8.98 8.64 7.64
C ASP C 67 8.39 7.27 7.28
N ASN C 68 7.26 6.89 7.91
CA ASN C 68 6.60 5.57 7.78
C ASN C 68 5.09 5.78 7.70
N VAL C 69 4.63 6.88 7.11
CA VAL C 69 3.17 7.19 7.07
C VAL C 69 2.55 6.39 5.94
N GLY C 70 1.32 5.92 6.15
CA GLY C 70 0.51 5.32 5.07
C GLY C 70 -0.96 5.59 5.33
N PRO C 71 -1.79 5.19 4.35
CA PRO C 71 -3.21 5.51 4.35
C PRO C 71 -4.06 4.74 5.37
N LEU C 72 -5.27 5.24 5.54
CA LEU C 72 -6.39 4.52 6.19
C LEU C 72 -7.16 3.79 5.08
N ILE C 73 -7.40 2.51 5.29
CA ILE C 73 -8.14 1.72 4.29
C ILE C 73 -9.47 1.28 4.88
N LEU C 74 -10.54 1.65 4.18
CA LEU C 74 -11.91 1.18 4.48
C LEU C 74 -12.18 0.00 3.55
N LYS C 75 -12.72 -1.08 4.10
CA LYS C 75 -13.08 -2.29 3.31
C LYS C 75 -14.51 -2.73 3.68
N LYS C 76 -15.28 -3.21 2.70
CA LYS C 76 -16.67 -3.67 2.97
C LYS C 76 -16.57 -4.97 3.79
N LYS C 77 -15.48 -5.71 3.58
CA LYS C 77 -15.18 -7.09 4.06
C LYS C 77 -16.32 -8.02 3.63
N LYS D 11 9.63 23.14 3.52
CA LYS D 11 10.24 21.81 3.11
C LYS D 11 9.51 20.64 3.79
N ASP D 12 9.55 19.48 3.14
CA ASP D 12 8.97 18.22 3.69
C ASP D 12 9.85 17.80 4.89
N SER D 13 9.23 17.33 5.98
CA SER D 13 9.90 16.79 7.20
C SER D 13 8.99 15.74 7.85
N LEU D 14 9.50 14.96 8.82
CA LEU D 14 8.70 13.85 9.43
C LEU D 14 7.28 14.33 9.79
N ILE D 15 6.27 13.54 9.42
CA ILE D 15 4.85 13.74 9.83
C ILE D 15 4.60 12.96 11.12
N ASN D 16 4.94 11.68 11.11
CA ASN D 16 4.66 10.77 12.24
C ASN D 16 5.91 10.72 13.13
N LEU D 17 5.76 11.08 14.39
CA LEU D 17 6.90 11.07 15.36
C LEU D 17 6.86 9.80 16.22
N LYS D 18 5.70 9.22 16.45
CA LYS D 18 5.52 8.29 17.60
C LYS D 18 4.93 6.94 17.19
N ILE D 19 4.15 6.84 16.11
CA ILE D 19 3.30 5.63 15.86
C ILE D 19 4.15 4.55 15.17
N GLN D 20 4.27 3.41 15.85
CA GLN D 20 4.85 2.16 15.30
C GLN D 20 6.07 2.49 14.45
N LYS D 21 7.10 3.07 15.06
CA LYS D 21 8.29 3.51 14.30
C LYS D 21 9.14 2.31 13.82
N GLU D 22 8.81 1.08 14.24
CA GLU D 22 9.50 -0.16 13.76
C GLU D 22 8.84 -0.63 12.44
N ASN D 23 7.67 -0.08 12.12
CA ASN D 23 6.89 -0.40 10.90
C ASN D 23 7.28 0.57 9.79
N PRO D 24 7.81 0.08 8.64
CA PRO D 24 8.19 0.95 7.54
C PRO D 24 7.03 1.71 6.88
N LYS D 25 5.80 1.23 7.04
CA LYS D 25 4.58 1.93 6.54
C LYS D 25 3.37 1.56 7.39
N VAL D 26 2.84 2.55 8.12
CA VAL D 26 1.66 2.34 9.00
C VAL D 26 0.39 2.49 8.17
N VAL D 27 -0.32 1.38 8.02
CA VAL D 27 -1.58 1.31 7.24
C VAL D 27 -2.59 0.70 8.20
N ASN D 28 -3.73 1.37 8.38
CA ASN D 28 -4.81 0.91 9.26
C ASN D 28 -5.99 0.58 8.36
N GLU D 29 -6.62 -0.55 8.65
CA GLU D 29 -7.77 -1.09 7.88
C GLU D 29 -8.99 -1.05 8.80
N ILE D 30 -10.09 -0.52 8.29
CA ILE D 30 -11.41 -0.46 8.98
C ILE D 30 -12.42 -1.27 8.16
N ASN D 31 -13.02 -2.29 8.77
CA ASN D 31 -14.24 -2.99 8.30
C ASN D 31 -15.45 -2.06 8.37
N ILE D 32 -16.06 -1.74 7.24
CA ILE D 32 -17.33 -0.95 7.17
C ILE D 32 -18.36 -1.62 8.09
N GLU D 33 -18.36 -2.96 8.11
CA GLU D 33 -19.30 -3.82 8.90
C GLU D 33 -19.25 -3.42 10.37
N ASP D 34 -18.05 -3.11 10.88
CA ASP D 34 -17.75 -2.79 12.30
C ASP D 34 -18.14 -1.34 12.65
N LEU D 35 -18.59 -0.53 11.68
CA LEU D 35 -19.03 0.85 11.95
C LEU D 35 -20.53 0.87 12.24
N SER D 36 -20.97 1.72 13.16
CA SER D 36 -22.41 1.99 13.47
C SER D 36 -22.86 3.19 12.63
N LEU D 37 -24.10 3.63 12.79
CA LEU D 37 -24.63 4.83 12.09
C LEU D 37 -24.03 6.11 12.69
N THR D 38 -23.42 6.03 13.87
CA THR D 38 -22.82 7.21 14.54
C THR D 38 -21.44 7.47 13.93
N LYS D 39 -21.26 8.68 13.41
CA LYS D 39 -20.01 9.17 12.76
C LYS D 39 -18.78 8.69 13.57
N ALA D 40 -17.70 8.31 12.88
CA ALA D 40 -16.40 8.01 13.52
C ALA D 40 -15.36 8.93 12.91
N ALA D 41 -14.60 9.60 13.76
CA ALA D 41 -13.51 10.51 13.38
C ALA D 41 -12.18 9.73 13.40
N TYR D 42 -11.43 9.73 12.28
CA TYR D 42 -10.12 9.06 12.13
C TYR D 42 -9.03 10.12 11.99
N CYS D 43 -7.89 9.82 12.57
CA CYS D 43 -6.74 10.76 12.74
C CYS D 43 -5.93 10.90 11.45
N ARG D 44 -5.66 12.13 11.01
CA ARG D 44 -4.73 12.45 9.90
C ARG D 44 -3.56 13.31 10.39
N CYS D 45 -3.32 13.42 11.70
CA CYS D 45 -2.21 14.24 12.23
C CYS D 45 -1.17 13.40 12.99
N TRP D 46 -1.47 12.12 13.22
CA TRP D 46 -0.53 11.18 13.89
C TRP D 46 -0.24 11.62 15.33
N ARG D 47 -1.09 12.45 15.93
CA ARG D 47 -0.89 12.93 17.32
C ARG D 47 -1.91 12.29 18.26
N SER D 48 -2.98 11.63 17.77
CA SER D 48 -4.10 11.14 18.62
C SER D 48 -3.58 10.08 19.61
N LYS D 49 -4.03 10.15 20.86
CA LYS D 49 -3.75 9.10 21.87
C LYS D 49 -4.68 7.92 21.67
N THR D 50 -5.65 8.03 20.75
CA THR D 50 -6.53 6.90 20.34
C THR D 50 -6.24 6.46 18.90
N PHE D 51 -5.10 6.86 18.29
CA PHE D 51 -4.73 6.51 16.89
C PHE D 51 -5.05 5.04 16.63
N PRO D 52 -5.71 4.65 15.51
CA PRO D 52 -5.97 5.53 14.36
C PRO D 52 -7.19 6.45 14.46
N ALA D 53 -7.99 6.34 15.53
CA ALA D 53 -9.11 7.25 15.84
C ALA D 53 -8.58 8.65 16.19
N CYS D 54 -9.40 9.67 15.93
CA CYS D 54 -9.16 11.09 16.28
C CYS D 54 -9.70 11.40 17.68
N ASP D 55 -8.89 12.03 18.52
CA ASP D 55 -9.32 12.43 19.89
C ASP D 55 -9.19 13.94 20.05
N GLY D 56 -9.00 14.67 18.95
CA GLY D 56 -8.94 16.13 19.00
C GLY D 56 -7.53 16.67 19.13
N SER D 57 -6.50 15.80 19.19
CA SER D 57 -5.08 16.22 19.30
C SER D 57 -4.65 17.05 18.09
N HIS D 58 -5.31 16.95 16.95
CA HIS D 58 -5.10 17.86 15.80
C HIS D 58 -5.13 19.34 16.26
N ASN D 59 -5.98 19.71 17.24
CA ASN D 59 -6.08 21.12 17.71
C ASN D 59 -4.78 21.51 18.39
N LYS D 60 -4.20 20.60 19.18
CA LYS D 60 -2.87 20.78 19.78
C LYS D 60 -1.82 21.03 18.69
N HIS D 61 -1.72 20.13 17.72
CA HIS D 61 -0.73 20.25 16.62
C HIS D 61 -0.92 21.59 15.91
N ASN D 62 -2.16 21.96 15.60
CA ASN D 62 -2.43 23.19 14.81
C ASN D 62 -2.01 24.41 15.64
N GLU D 63 -2.32 24.42 16.93
CA GLU D 63 -2.02 25.54 17.85
C GLU D 63 -0.50 25.70 17.94
N LEU D 64 0.24 24.58 18.02
CA LEU D 64 1.71 24.60 18.21
C LEU D 64 2.41 24.99 16.91
N THR D 65 1.84 24.65 15.75
CA THR D 65 2.59 24.71 14.46
C THR D 65 1.99 25.74 13.51
N GLY D 66 0.76 26.21 13.71
CA GLY D 66 0.01 27.00 12.70
C GLY D 66 -0.48 26.16 11.54
N ASP D 67 -0.60 24.85 11.71
CA ASP D 67 -1.13 23.92 10.69
C ASP D 67 -2.67 23.96 10.67
N ASN D 68 -3.30 23.25 9.74
CA ASN D 68 -4.76 23.33 9.46
C ASN D 68 -5.30 21.91 9.28
N VAL D 69 -4.69 20.93 9.94
CA VAL D 69 -5.05 19.52 9.72
C VAL D 69 -6.28 19.21 10.57
N GLY D 70 -7.10 18.31 10.06
CA GLY D 70 -8.29 17.81 10.76
C GLY D 70 -8.55 16.39 10.34
N PRO D 71 -9.48 15.72 11.03
CA PRO D 71 -9.77 14.31 10.82
C PRO D 71 -10.58 14.00 9.57
N LEU D 72 -10.56 12.72 9.22
CA LEU D 72 -11.51 12.09 8.28
C LEU D 72 -12.73 11.68 9.08
N ILE D 73 -13.94 12.04 8.71
CA ILE D 73 -15.06 11.48 9.50
C ILE D 73 -15.88 10.53 8.62
N LEU D 74 -16.10 9.34 9.16
CA LEU D 74 -16.77 8.21 8.49
C LEU D 74 -18.23 8.24 8.94
N LYS D 75 -19.13 8.30 7.96
CA LYS D 75 -20.58 8.56 8.13
C LYS D 75 -21.34 7.43 7.46
N LYS D 76 -22.15 6.71 8.22
CA LYS D 76 -23.09 5.68 7.71
C LYS D 76 -24.49 6.19 7.98
FE1 FES E . 2.74 -16.66 -11.38
FE2 FES E . 4.53 -18.64 -10.99
S1 FES E . 2.32 -18.86 -11.26
S2 FES E . 4.89 -16.40 -11.02
FE1 FES F . 5.52 -3.05 -8.38
FE2 FES F . 4.77 -1.86 -6.10
S1 FES F . 6.28 -1.18 -7.54
S2 FES F . 4.06 -3.84 -6.88
FE1 FES G . -1.07 10.34 1.53
FE2 FES G . -1.02 7.81 0.60
S1 FES G . -0.98 9.71 -0.58
S2 FES G . -1.24 8.52 2.74
FE1 FES H . -5.35 13.60 14.68
FE2 FES H . -7.80 14.55 15.17
S1 FES H . -6.38 13.63 16.61
S2 FES H . -6.81 14.40 13.20
C1 49I I . -4.17 1.13 -1.35
C5 49I I . -6.39 0.30 -1.64
C4 49I I . -6.10 -0.72 -0.77
C3 49I I . -4.83 -0.85 -0.18
C2 49I I . -3.86 0.09 -0.47
C6 49I I . -5.42 1.23 -1.94
C7 49I I . -2.46 0.02 0.11
C8 49I I . -2.32 -0.92 1.32
O1 49I I . 0.11 1.00 0.09
O3 49I I . 3.16 -2.35 3.98
C16 49I I . 3.60 -1.81 2.98
C17 49I I . 5.07 -1.56 2.87
C18 49I I . 5.87 -2.17 3.83
C19 49I I . 7.25 -2.00 3.80
C20 49I I . 7.83 -1.22 2.84
C21 49I I . 7.05 -0.59 1.90
C22 49I I . 5.66 -0.75 1.92
N1 49I I . 2.77 -1.44 1.96
C13 49I I . 1.39 -1.54 2.07
C14 49I I . 0.39 -0.95 1.30
C15 49I I . 0.77 -0.04 0.23
O2 49I I . 1.75 -0.33 -0.41
C11 49I I . -0.92 -1.33 1.69
C12 49I I . -0.82 -2.34 2.71
S1 49I I . 0.74 -2.46 3.36
C9 49I I . -3.16 -2.20 1.21
C10 49I I . -4.59 -1.97 0.78
#